data_2CNL
#
_entry.id   2CNL
#
_cell.length_a   67.694
_cell.length_b   83.963
_cell.length_c   96.271
_cell.angle_alpha   90.00
_cell.angle_beta   90.00
_cell.angle_gamma   90.00
#
_symmetry.space_group_name_H-M   'I 2 2 2'
#
loop_
_entity.id
_entity.type
_entity.pdbx_description
1 polymer 'CASPASE-3 SUBUNIT P17'
2 polymer 'CASPASE-3 SUBUNIT P12'
3 polymer 'AZA-PEPTIDE EPOXIDE'
4 water water
#
loop_
_entity_poly.entity_id
_entity_poly.type
_entity_poly.pdbx_seq_one_letter_code
_entity_poly.pdbx_strand_id
1 'polypeptide(L)'
;SGISLDNSYKMDYPEMGLCIIINNKNFHKSTGMTSRSGTDVDAANLRETFRNLKYEVRNKNDLTREEIVELMRDVSKEDH
SKRSSFVCVLLSHGEEGIIFGTNGPVDLKKITNFFRGDRCRSLTGKPKLFIIQACRGTELDCGIETD
;
A
2 'polypeptide(L)'
;ASGVDDDMACHKIPVEADFLYAYSTAPGYYSWRNSKDGSWFIQSLCAMLKQYADKLEFMHILTRVNRKVATEFESFSFDA
TFHAKKQIPCIVSMLTKELYFYH
;
B
3 'polypeptide(L)' (PHQ)DEV(MY3) I
#
loop_
_chem_comp.id
_chem_comp.type
_chem_comp.name
_chem_comp.formula
MY3 non-polymer '[N-(3-BENZYLCARBAMOYL-OXIRANECARBONYL)-HYDRAZINO] - ACETIC ACID' 'C13 H17 N3 O5'
PHQ non-polymer 'benzyl chlorocarbonate' 'C8 H7 Cl O2'
#
# COMPACT_ATOMS: atom_id res chain seq x y z
N SER A 1 7.48 -3.41 36.95
CA SER A 1 7.67 -2.04 36.38
C SER A 1 6.38 -1.23 36.46
N GLY A 2 6.39 -0.05 35.87
CA GLY A 2 5.21 0.80 35.91
C GLY A 2 4.11 0.34 34.99
N ILE A 3 3.06 1.15 34.88
CA ILE A 3 1.90 0.85 34.05
C ILE A 3 2.29 0.68 32.58
N SER A 4 1.77 -0.38 31.95
CA SER A 4 2.04 -0.67 30.55
C SER A 4 0.70 -0.59 29.81
N LEU A 5 0.64 0.19 28.74
CA LEU A 5 -0.61 0.35 27.99
C LEU A 5 -0.76 -0.51 26.74
N ASP A 6 0.32 -0.62 25.96
CA ASP A 6 0.29 -1.44 24.75
C ASP A 6 -0.68 -0.90 23.69
N ASN A 7 -0.60 0.41 23.41
CA ASN A 7 -1.48 1.01 22.41
C ASN A 7 -0.81 1.16 21.04
N SER A 8 0.49 0.88 20.97
CA SER A 8 1.20 0.99 19.70
C SER A 8 2.02 -0.25 19.42
N TYR A 9 2.13 -0.60 18.14
CA TYR A 9 2.89 -1.78 17.72
C TYR A 9 4.35 -1.69 18.16
N LYS A 10 4.92 -2.82 18.55
CA LYS A 10 6.32 -2.87 18.95
C LYS A 10 7.14 -2.72 17.67
N MET A 11 7.81 -1.58 17.51
CA MET A 11 8.59 -1.34 16.31
C MET A 11 10.09 -1.27 16.59
N ASP A 12 10.52 -1.85 17.70
CA ASP A 12 11.94 -1.83 18.05
C ASP A 12 12.64 -3.17 17.91
N TYR A 13 12.13 -4.02 17.02
CA TYR A 13 12.76 -5.31 16.76
C TYR A 13 14.08 -4.98 16.07
N PRO A 14 14.99 -5.95 15.94
CA PRO A 14 16.28 -5.72 15.29
C PRO A 14 16.15 -5.10 13.89
N GLU A 15 15.13 -5.52 13.16
CA GLU A 15 14.88 -5.01 11.81
C GLU A 15 13.47 -4.42 11.70
N MET A 16 13.33 -3.37 10.90
CA MET A 16 12.02 -2.76 10.71
C MET A 16 11.19 -3.73 9.86
N GLY A 17 11.86 -4.42 8.94
CA GLY A 17 11.18 -5.36 8.07
C GLY A 17 11.45 -5.13 6.60
N LEU A 18 10.81 -5.93 5.76
CA LEU A 18 10.98 -5.81 4.32
C LEU A 18 10.03 -4.82 3.69
N CYS A 19 10.45 -4.23 2.58
CA CYS A 19 9.60 -3.33 1.83
C CYS A 19 9.77 -3.85 0.41
N ILE A 20 8.82 -4.65 -0.03
CA ILE A 20 8.86 -5.24 -1.37
C ILE A 20 8.16 -4.31 -2.35
N ILE A 21 8.88 -3.86 -3.37
CA ILE A 21 8.29 -2.98 -4.37
C ILE A 21 8.15 -3.71 -5.70
N ILE A 22 6.92 -3.87 -6.18
CA ILE A 22 6.69 -4.51 -7.46
C ILE A 22 6.36 -3.39 -8.43
N ASN A 23 7.30 -3.13 -9.33
CA ASN A 23 7.19 -2.05 -10.30
C ASN A 23 6.94 -2.58 -11.71
N ASN A 24 5.68 -2.58 -12.14
CA ASN A 24 5.33 -3.04 -13.47
C ASN A 24 5.13 -1.87 -14.42
N LYS A 25 6.10 -1.70 -15.31
CA LYS A 25 6.08 -0.61 -16.28
C LYS A 25 5.71 -1.08 -17.68
N ASN A 26 6.31 -2.18 -18.10
CA ASN A 26 6.07 -2.74 -19.43
C ASN A 26 5.23 -4.00 -19.37
N PHE A 27 4.18 -4.05 -20.19
CA PHE A 27 3.31 -5.21 -20.22
C PHE A 27 3.38 -5.91 -21.56
N HIS A 28 3.15 -7.23 -21.54
CA HIS A 28 3.19 -8.02 -22.75
C HIS A 28 2.19 -7.47 -23.77
N LYS A 29 2.63 -7.38 -25.01
CA LYS A 29 1.79 -6.87 -26.10
C LYS A 29 0.45 -7.58 -26.16
N SER A 30 0.47 -8.88 -25.90
CA SER A 30 -0.74 -9.70 -25.94
C SER A 30 -1.85 -9.24 -25.01
N THR A 31 -1.49 -8.54 -23.93
CA THR A 31 -2.47 -8.07 -22.97
C THR A 31 -3.14 -6.77 -23.41
N GLY A 32 -2.50 -6.05 -24.32
CA GLY A 32 -3.04 -4.80 -24.79
C GLY A 32 -2.94 -3.68 -23.77
N MET A 33 -2.13 -3.88 -22.73
CA MET A 33 -1.96 -2.87 -21.71
C MET A 33 -0.82 -1.93 -22.06
N THR A 34 -1.03 -0.64 -21.81
CA THR A 34 -0.04 0.38 -22.12
C THR A 34 1.08 0.44 -21.08
N SER A 35 2.22 0.99 -21.48
CA SER A 35 3.34 1.13 -20.56
C SER A 35 3.00 2.23 -19.57
N ARG A 36 3.50 2.09 -18.34
CA ARG A 36 3.20 3.06 -17.29
C ARG A 36 4.33 4.05 -17.07
N SER A 37 4.48 4.98 -18.01
CA SER A 37 5.53 5.99 -17.95
C SER A 37 5.47 6.76 -16.63
N GLY A 38 6.62 6.93 -16.00
CA GLY A 38 6.69 7.66 -14.75
C GLY A 38 6.71 6.75 -13.52
N THR A 39 6.42 5.47 -13.71
CA THR A 39 6.41 4.57 -12.57
C THR A 39 7.80 4.37 -11.97
N ASP A 40 8.84 4.52 -12.79
CA ASP A 40 10.20 4.36 -12.26
C ASP A 40 10.50 5.45 -11.25
N VAL A 41 9.95 6.64 -11.48
CA VAL A 41 10.13 7.76 -10.56
C VAL A 41 9.52 7.37 -9.22
N ASP A 42 8.34 6.74 -9.28
CA ASP A 42 7.66 6.28 -8.07
C ASP A 42 8.49 5.23 -7.35
N ALA A 43 8.98 4.24 -8.11
CA ALA A 43 9.77 3.17 -7.54
C ALA A 43 11.02 3.68 -6.84
N ALA A 44 11.71 4.63 -7.47
CA ALA A 44 12.93 5.18 -6.88
C ALA A 44 12.62 5.99 -5.63
N ASN A 45 11.55 6.77 -5.67
CA ASN A 45 11.14 7.61 -4.55
C ASN A 45 10.80 6.71 -3.36
N LEU A 46 10.09 5.61 -3.63
CA LEU A 46 9.73 4.68 -2.58
C LEU A 46 10.96 4.03 -1.96
N ARG A 47 11.89 3.60 -2.81
CA ARG A 47 13.11 2.96 -2.32
C ARG A 47 13.88 3.88 -1.37
N GLU A 48 14.03 5.13 -1.75
CA GLU A 48 14.75 6.10 -0.92
C GLU A 48 14.00 6.40 0.37
N THR A 49 12.70 6.61 0.25
CA THR A 49 11.86 6.94 1.40
C THR A 49 11.87 5.83 2.45
N PHE A 50 11.67 4.59 2.01
CA PHE A 50 11.66 3.48 2.96
C PHE A 50 13.06 3.10 3.43
N ARG A 51 14.06 3.45 2.63
CA ARG A 51 15.45 3.19 3.01
C ARG A 51 15.73 4.03 4.25
N ASN A 52 15.27 5.28 4.22
CA ASN A 52 15.49 6.19 5.34
C ASN A 52 14.70 5.79 6.59
N LEU A 53 13.68 4.97 6.41
CA LEU A 53 12.87 4.50 7.55
C LEU A 53 13.47 3.18 8.06
N LYS A 54 14.59 2.80 7.46
CA LYS A 54 15.34 1.60 7.82
C LYS A 54 14.73 0.27 7.39
N TYR A 55 13.98 0.28 6.29
CA TYR A 55 13.41 -0.95 5.78
C TYR A 55 14.39 -1.60 4.82
N GLU A 56 14.29 -2.92 4.70
CA GLU A 56 15.11 -3.68 3.77
C GLU A 56 14.31 -3.62 2.48
N VAL A 57 14.66 -2.70 1.58
CA VAL A 57 13.91 -2.56 0.34
C VAL A 57 14.39 -3.51 -0.75
N ARG A 58 13.43 -4.20 -1.38
CA ARG A 58 13.72 -5.11 -2.47
C ARG A 58 12.81 -4.72 -3.62
N ASN A 59 13.39 -4.42 -4.77
CA ASN A 59 12.60 -4.01 -5.92
C ASN A 59 12.57 -5.11 -6.98
N LYS A 60 11.44 -5.19 -7.68
CA LYS A 60 11.26 -6.14 -8.75
C LYS A 60 10.54 -5.40 -9.86
N ASN A 61 11.02 -5.56 -11.09
CA ASN A 61 10.40 -4.87 -12.22
C ASN A 61 9.75 -5.83 -13.20
N ASP A 62 8.63 -5.38 -13.78
CA ASP A 62 7.90 -6.14 -14.78
C ASP A 62 7.72 -7.62 -14.50
N LEU A 63 6.95 -7.93 -13.46
CA LEU A 63 6.71 -9.32 -13.10
C LEU A 63 5.41 -9.85 -13.68
N THR A 64 5.44 -11.09 -14.16
CA THR A 64 4.24 -11.72 -14.71
C THR A 64 3.38 -12.07 -13.51
N ARG A 65 2.13 -12.44 -13.77
CA ARG A 65 1.22 -12.81 -12.68
C ARG A 65 1.82 -13.99 -11.90
N GLU A 66 2.47 -14.91 -12.60
CA GLU A 66 3.07 -16.06 -11.93
C GLU A 66 4.21 -15.64 -11.00
N GLU A 67 5.05 -14.72 -11.49
CA GLU A 67 6.18 -14.25 -10.70
C GLU A 67 5.73 -13.46 -9.48
N ILE A 68 4.60 -12.75 -9.59
CA ILE A 68 4.09 -11.98 -8.47
C ILE A 68 3.69 -12.94 -7.35
N VAL A 69 2.93 -13.97 -7.72
CA VAL A 69 2.49 -14.95 -6.74
C VAL A 69 3.67 -15.69 -6.12
N GLU A 70 4.64 -16.07 -6.95
CA GLU A 70 5.82 -16.78 -6.47
C GLU A 70 6.62 -15.92 -5.50
N LEU A 71 6.78 -14.64 -5.84
CA LEU A 71 7.53 -13.71 -5.00
C LEU A 71 6.86 -13.58 -3.63
N MET A 72 5.56 -13.34 -3.63
CA MET A 72 4.79 -13.17 -2.41
C MET A 72 4.84 -14.43 -1.54
N ARG A 73 4.68 -15.58 -2.18
CA ARG A 73 4.73 -16.84 -1.45
C ARG A 73 6.09 -17.02 -0.78
N ASP A 74 7.16 -16.83 -1.55
CA ASP A 74 8.52 -16.97 -1.03
C ASP A 74 8.77 -16.02 0.14
N VAL A 75 8.39 -14.76 -0.04
CA VAL A 75 8.59 -13.77 1.01
C VAL A 75 7.81 -14.11 2.27
N SER A 76 6.57 -14.57 2.12
CA SER A 76 5.76 -14.93 3.28
C SER A 76 6.34 -16.14 4.00
N LYS A 77 7.14 -16.93 3.30
CA LYS A 77 7.74 -18.12 3.89
C LYS A 77 9.08 -17.87 4.60
N GLU A 78 9.56 -16.63 4.55
CA GLU A 78 10.81 -16.27 5.21
C GLU A 78 10.52 -16.16 6.71
N ASP A 79 11.59 -16.15 7.51
CA ASP A 79 11.43 -16.02 8.95
C ASP A 79 11.49 -14.54 9.31
N HIS A 80 10.32 -13.96 9.61
CA HIS A 80 10.22 -12.54 9.95
C HIS A 80 10.28 -12.31 11.46
N SER A 81 10.73 -13.31 12.20
CA SER A 81 10.82 -13.19 13.66
C SER A 81 11.49 -11.93 14.18
N LYS A 82 12.59 -11.53 13.56
CA LYS A 82 13.32 -10.34 14.01
C LYS A 82 12.89 -9.05 13.31
N ARG A 83 11.80 -9.10 12.57
CA ARG A 83 11.31 -7.93 11.85
C ARG A 83 10.04 -7.36 12.50
N SER A 84 9.98 -6.04 12.61
CA SER A 84 8.83 -5.37 13.25
C SER A 84 7.57 -5.33 12.41
N SER A 85 7.73 -5.30 11.09
CA SER A 85 6.58 -5.19 10.20
C SER A 85 6.89 -5.69 8.81
N PHE A 86 5.91 -5.53 7.92
CA PHE A 86 6.06 -5.93 6.54
C PHE A 86 5.37 -4.90 5.65
N VAL A 87 6.04 -4.53 4.56
CA VAL A 87 5.49 -3.56 3.63
C VAL A 87 5.61 -4.07 2.21
N CYS A 88 4.52 -3.92 1.44
CA CYS A 88 4.51 -4.33 0.05
C CYS A 88 3.88 -3.20 -0.75
N VAL A 89 4.58 -2.73 -1.78
CA VAL A 89 4.06 -1.66 -2.62
C VAL A 89 3.83 -2.22 -4.01
N LEU A 90 2.60 -2.05 -4.51
CA LEU A 90 2.23 -2.54 -5.83
C LEU A 90 1.98 -1.37 -6.77
N LEU A 91 2.75 -1.32 -7.85
CA LEU A 91 2.65 -0.27 -8.86
C LEU A 91 2.31 -0.92 -10.19
N SER A 92 1.07 -0.76 -10.65
CA SER A 92 0.68 -1.38 -11.92
C SER A 92 -0.71 -0.97 -12.34
N HIS A 93 -1.19 -1.58 -13.42
CA HIS A 93 -2.54 -1.33 -13.90
C HIS A 93 -3.40 -2.16 -12.94
N GLY A 94 -4.68 -1.83 -12.85
CA GLY A 94 -5.53 -2.60 -11.98
C GLY A 94 -7.01 -2.32 -12.16
N GLU A 95 -7.82 -3.06 -11.41
CA GLU A 95 -9.27 -2.91 -11.39
C GLU A 95 -9.64 -3.21 -9.95
N GLU A 96 -10.89 -3.05 -9.59
CA GLU A 96 -11.28 -3.32 -8.21
C GLU A 96 -10.87 -4.73 -7.76
N GLY A 97 -10.05 -4.79 -6.72
CA GLY A 97 -9.58 -6.05 -6.17
C GLY A 97 -8.54 -6.78 -7.00
N ILE A 98 -8.04 -6.11 -8.04
CA ILE A 98 -7.08 -6.72 -8.95
C ILE A 98 -5.85 -5.86 -9.22
N ILE A 99 -4.71 -6.53 -9.36
CA ILE A 99 -3.47 -5.86 -9.71
C ILE A 99 -2.95 -6.67 -10.91
N PHE A 100 -2.46 -5.98 -11.93
CA PHE A 100 -2.00 -6.71 -13.11
C PHE A 100 -0.54 -7.09 -13.19
N GLY A 101 -0.31 -8.34 -13.57
CA GLY A 101 1.05 -8.80 -13.78
C GLY A 101 1.25 -8.38 -15.22
N THR A 102 2.45 -8.57 -15.76
CA THR A 102 2.71 -8.16 -17.14
C THR A 102 1.95 -8.99 -18.17
N ASN A 103 1.43 -10.15 -17.76
CA ASN A 103 0.72 -11.04 -18.66
C ASN A 103 -0.69 -11.38 -18.21
N GLY A 104 -1.21 -10.66 -17.22
CA GLY A 104 -2.54 -10.96 -16.75
C GLY A 104 -2.77 -10.51 -15.32
N PRO A 105 -4.02 -10.60 -14.83
CA PRO A 105 -4.41 -10.20 -13.48
C PRO A 105 -4.05 -11.13 -12.35
N VAL A 106 -3.98 -10.54 -11.16
CA VAL A 106 -3.71 -11.26 -9.92
C VAL A 106 -4.68 -10.69 -8.89
N ASP A 107 -5.46 -11.56 -8.26
CA ASP A 107 -6.40 -11.11 -7.24
C ASP A 107 -5.58 -10.61 -6.05
N LEU A 108 -5.89 -9.41 -5.57
CA LEU A 108 -5.17 -8.87 -4.43
C LEU A 108 -5.32 -9.82 -3.24
N LYS A 109 -6.47 -10.49 -3.14
CA LYS A 109 -6.72 -11.41 -2.05
C LYS A 109 -5.72 -12.57 -2.03
N LYS A 110 -5.33 -13.03 -3.22
CA LYS A 110 -4.38 -14.14 -3.31
C LYS A 110 -3.04 -13.71 -2.75
N ILE A 111 -2.65 -12.47 -3.05
CA ILE A 111 -1.39 -11.92 -2.58
C ILE A 111 -1.40 -11.73 -1.07
N THR A 112 -2.44 -11.10 -0.54
CA THR A 112 -2.52 -10.85 0.90
C THR A 112 -2.77 -12.09 1.76
N ASN A 113 -3.41 -13.11 1.20
CA ASN A 113 -3.68 -14.32 1.96
C ASN A 113 -2.40 -14.99 2.47
N PHE A 114 -1.31 -14.87 1.72
CA PHE A 114 -0.05 -15.48 2.13
C PHE A 114 0.41 -14.94 3.48
N PHE A 115 -0.02 -13.72 3.79
CA PHE A 115 0.39 -13.06 5.03
C PHE A 115 -0.63 -13.12 6.16
N ARG A 116 -1.69 -13.89 5.97
CA ARG A 116 -2.72 -14.05 6.99
C ARG A 116 -2.08 -14.44 8.32
N GLY A 117 -2.72 -14.04 9.42
CA GLY A 117 -2.19 -14.35 10.74
C GLY A 117 -1.90 -15.81 10.98
N ASP A 118 -2.65 -16.69 10.32
CA ASP A 118 -2.44 -18.13 10.50
C ASP A 118 -1.50 -18.76 9.47
N ARG A 119 -1.17 -18.01 8.42
CA ARG A 119 -0.29 -18.54 7.37
C ARG A 119 1.14 -18.01 7.41
N CYS A 120 1.36 -16.88 8.07
CA CYS A 120 2.70 -16.33 8.23
C CYS A 120 2.83 -16.03 9.71
N ARG A 121 3.16 -17.06 10.49
CA ARG A 121 3.26 -16.92 11.93
C ARG A 121 4.29 -15.93 12.46
N SER A 122 5.38 -15.72 11.74
CA SER A 122 6.38 -14.78 12.20
C SER A 122 5.94 -13.32 12.01
N LEU A 123 4.77 -13.13 11.42
CA LEU A 123 4.23 -11.79 11.22
C LEU A 123 2.92 -11.62 12.00
N THR A 124 2.49 -12.69 12.66
CA THR A 124 1.25 -12.63 13.44
C THR A 124 1.40 -11.52 14.49
N GLY A 125 0.41 -10.65 14.59
CA GLY A 125 0.47 -9.58 15.57
C GLY A 125 1.29 -8.37 15.13
N LYS A 126 1.86 -8.45 13.93
CA LYS A 126 2.68 -7.35 13.41
C LYS A 126 1.97 -6.68 12.23
N PRO A 127 2.15 -5.36 12.06
CA PRO A 127 1.49 -4.66 10.95
C PRO A 127 1.99 -5.07 9.58
N LYS A 128 1.03 -5.38 8.71
CA LYS A 128 1.29 -5.80 7.34
C LYS A 128 0.66 -4.71 6.47
N LEU A 129 1.51 -3.91 5.84
CA LEU A 129 1.06 -2.79 5.02
C LEU A 129 1.15 -3.02 3.52
N PHE A 130 0.04 -2.82 2.83
CA PHE A 130 0.02 -2.96 1.38
C PHE A 130 -0.36 -1.61 0.76
N ILE A 131 0.59 -1.06 0.01
CA ILE A 131 0.42 0.25 -0.64
C ILE A 131 0.12 -0.02 -2.10
N ILE A 132 -1.05 0.40 -2.56
CA ILE A 132 -1.47 0.10 -3.93
C ILE A 132 -1.77 1.26 -4.86
N GLN A 133 -0.90 1.42 -5.87
CA GLN A 133 -1.06 2.45 -6.88
C GLN A 133 -1.56 1.72 -8.13
N ALA A 134 -2.87 1.79 -8.35
CA ALA A 134 -3.53 1.14 -9.48
C ALA A 134 -5.01 1.52 -9.51
N CYS A 135 -5.65 1.42 -10.67
CA CYS A 135 -7.07 1.75 -10.79
C CYS A 135 -7.90 0.77 -10.00
N ARG A 136 -9.08 1.22 -9.57
CA ARG A 136 -10.00 0.37 -8.83
C ARG A 136 -11.34 0.40 -9.56
N GLY A 137 -11.28 0.83 -10.81
CA GLY A 137 -12.49 0.94 -11.61
C GLY A 137 -12.31 1.98 -12.69
N THR A 138 -13.42 2.42 -13.28
CA THR A 138 -13.39 3.40 -14.35
C THR A 138 -14.17 4.68 -14.06
N GLU A 139 -14.45 4.95 -12.79
CA GLU A 139 -15.18 6.16 -12.46
C GLU A 139 -14.23 7.35 -12.38
N LEU A 140 -14.74 8.53 -12.71
CA LEU A 140 -13.95 9.76 -12.67
C LEU A 140 -14.61 10.72 -11.70
N ASP A 141 -13.80 11.37 -10.88
CA ASP A 141 -14.30 12.32 -9.90
C ASP A 141 -14.24 13.74 -10.50
N CYS A 142 -15.40 14.32 -10.76
CA CYS A 142 -15.49 15.65 -11.35
C CYS A 142 -15.09 16.77 -10.39
N GLY A 143 -15.03 16.45 -9.10
CA GLY A 143 -14.64 17.43 -8.10
C GLY A 143 -15.71 18.49 -7.87
N ILE A 144 -15.45 19.37 -6.91
CA ILE A 144 -16.37 20.44 -6.59
C ILE A 144 -15.59 21.65 -6.11
N GLU A 145 -15.91 22.82 -6.67
CA GLU A 145 -15.22 24.07 -6.31
C GLU A 145 -15.42 24.35 -4.82
N THR A 146 -14.33 24.57 -4.11
CA THR A 146 -14.40 24.84 -2.68
C THR A 146 -14.60 26.30 -2.32
N ASP A 147 -15.29 26.53 -1.21
CA ASP A 147 -15.58 27.88 -0.73
C ASP A 147 -15.58 27.94 0.79
N ALA B 1 -21.13 -9.48 34.39
CA ALA B 1 -21.80 -10.03 33.17
C ALA B 1 -21.04 -11.23 32.62
N SER B 2 -21.75 -12.09 31.91
CA SER B 2 -21.15 -13.28 31.31
C SER B 2 -21.87 -13.60 30.00
N GLY B 3 -21.17 -14.23 29.08
CA GLY B 3 -21.77 -14.58 27.80
C GLY B 3 -21.05 -15.71 27.09
N VAL B 4 -21.57 -16.11 25.94
CA VAL B 4 -21.00 -17.20 25.16
C VAL B 4 -19.91 -16.78 24.18
N ASP B 5 -19.78 -15.49 23.91
CA ASP B 5 -18.80 -15.03 22.93
C ASP B 5 -17.68 -14.10 23.39
N ASP B 6 -17.33 -14.14 24.67
CA ASP B 6 -16.26 -13.29 25.16
C ASP B 6 -15.44 -13.99 26.25
N ASP B 7 -14.29 -13.42 26.55
CA ASP B 7 -13.39 -13.96 27.57
C ASP B 7 -13.03 -15.42 27.31
N MET B 8 -12.55 -15.72 26.11
CA MET B 8 -12.15 -17.08 25.76
C MET B 8 -10.91 -17.52 26.52
N ALA B 9 -10.87 -18.78 26.92
CA ALA B 9 -9.72 -19.32 27.65
C ALA B 9 -8.47 -19.21 26.79
N CYS B 10 -8.59 -19.62 25.53
CA CYS B 10 -7.47 -19.57 24.59
C CYS B 10 -7.62 -18.33 23.72
N HIS B 11 -6.70 -17.38 23.87
CA HIS B 11 -6.74 -16.14 23.12
C HIS B 11 -6.39 -16.30 21.63
N LYS B 12 -7.25 -15.76 20.78
CA LYS B 12 -7.03 -15.80 19.35
C LYS B 12 -7.32 -14.43 18.77
N ILE B 13 -6.78 -14.17 17.58
CA ILE B 13 -7.02 -12.91 16.88
C ILE B 13 -7.47 -13.31 15.48
N PRO B 14 -8.18 -12.42 14.79
CA PRO B 14 -8.66 -12.69 13.43
C PRO B 14 -7.46 -12.88 12.50
N VAL B 15 -7.56 -13.79 11.54
CA VAL B 15 -6.46 -14.00 10.61
C VAL B 15 -6.33 -12.79 9.69
N GLU B 16 -7.39 -11.99 9.61
CA GLU B 16 -7.39 -10.79 8.76
C GLU B 16 -6.96 -9.55 9.55
N ALA B 17 -6.67 -9.72 10.83
CA ALA B 17 -6.25 -8.58 11.65
C ALA B 17 -4.82 -8.13 11.34
N ASP B 18 -4.56 -6.87 11.65
CA ASP B 18 -3.25 -6.25 11.49
C ASP B 18 -2.79 -5.97 10.06
N PHE B 19 -3.75 -5.76 9.17
CA PHE B 19 -3.47 -5.42 7.78
C PHE B 19 -3.89 -3.97 7.57
N LEU B 20 -3.16 -3.27 6.72
CA LEU B 20 -3.46 -1.89 6.37
C LEU B 20 -3.29 -1.79 4.87
N TYR B 21 -4.34 -1.35 4.18
CA TYR B 21 -4.27 -1.18 2.73
C TYR B 21 -4.35 0.30 2.44
N ALA B 22 -3.29 0.87 1.88
CA ALA B 22 -3.29 2.27 1.54
C ALA B 22 -3.53 2.35 0.04
N TYR B 23 -4.79 2.54 -0.33
CA TYR B 23 -5.18 2.64 -1.74
C TYR B 23 -4.98 4.05 -2.26
N SER B 24 -4.52 4.15 -3.50
CA SER B 24 -4.28 5.44 -4.12
C SER B 24 -5.56 6.17 -4.48
N THR B 25 -6.66 5.43 -4.57
CA THR B 25 -7.92 6.03 -4.99
C THR B 25 -9.12 5.33 -4.36
N ALA B 26 -10.28 5.99 -4.43
CA ALA B 26 -11.51 5.47 -3.87
C ALA B 26 -12.02 4.24 -4.64
N PRO B 27 -12.82 3.40 -3.98
CA PRO B 27 -13.34 2.20 -4.64
C PRO B 27 -14.08 2.55 -5.94
N GLY B 28 -13.75 1.83 -7.01
CA GLY B 28 -14.41 2.04 -8.30
C GLY B 28 -13.86 3.15 -9.19
N TYR B 29 -12.86 3.87 -8.71
CA TYR B 29 -12.29 4.98 -9.47
C TYR B 29 -10.94 4.74 -10.13
N TYR B 30 -10.67 5.51 -11.19
CA TYR B 30 -9.39 5.44 -11.88
C TYR B 30 -8.39 6.04 -10.91
N SER B 31 -7.11 5.78 -11.12
CA SER B 31 -6.05 6.34 -10.31
C SER B 31 -5.17 7.12 -11.29
N TRP B 32 -4.79 8.34 -10.92
CA TRP B 32 -3.98 9.19 -11.79
C TRP B 32 -2.46 9.15 -11.61
N ARG B 33 -1.75 9.19 -12.73
CA ARG B 33 -0.29 9.17 -12.75
C ARG B 33 0.24 10.17 -13.76
N ASN B 34 1.24 10.96 -13.35
CA ASN B 34 1.84 11.93 -14.24
C ASN B 34 2.99 11.20 -14.95
N SER B 35 2.94 11.16 -16.27
CA SER B 35 3.95 10.46 -17.06
C SER B 35 5.38 10.89 -16.80
N LYS B 36 5.56 12.06 -16.19
CA LYS B 36 6.90 12.57 -15.90
C LYS B 36 7.27 12.59 -14.43
N ASP B 37 6.33 12.99 -13.58
CA ASP B 37 6.58 13.11 -12.15
C ASP B 37 6.19 11.89 -11.30
N GLY B 38 5.45 10.95 -11.88
CA GLY B 38 5.03 9.79 -11.12
C GLY B 38 3.58 9.95 -10.70
N SER B 39 3.05 8.95 -9.99
CA SER B 39 1.65 9.00 -9.56
C SER B 39 1.42 10.03 -8.48
N TRP B 40 0.23 10.63 -8.47
CA TRP B 40 -0.10 11.64 -7.47
C TRP B 40 0.03 11.05 -6.07
N PHE B 41 -0.50 9.83 -5.92
CA PHE B 41 -0.48 9.15 -4.63
C PHE B 41 0.91 8.83 -4.10
N ILE B 42 1.74 8.16 -4.90
CA ILE B 42 3.08 7.82 -4.44
C ILE B 42 3.91 9.08 -4.20
N GLN B 43 3.78 10.08 -5.07
CA GLN B 43 4.51 11.34 -4.91
C GLN B 43 4.21 11.87 -3.51
N SER B 44 2.92 12.01 -3.24
CA SER B 44 2.43 12.55 -1.97
C SER B 44 2.76 11.70 -0.76
N LEU B 45 2.65 10.38 -0.89
CA LEU B 45 2.95 9.48 0.21
C LEU B 45 4.41 9.62 0.63
N CYS B 46 5.32 9.62 -0.35
CA CYS B 46 6.73 9.75 -0.02
C CYS B 46 7.03 11.11 0.63
N ALA B 47 6.41 12.16 0.11
CA ALA B 47 6.60 13.50 0.65
C ALA B 47 6.15 13.58 2.10
N MET B 48 4.98 13.01 2.41
CA MET B 48 4.48 13.07 3.78
C MET B 48 5.29 12.17 4.72
N LEU B 49 5.77 11.04 4.21
CA LEU B 49 6.57 10.15 5.03
C LEU B 49 7.91 10.83 5.36
N LYS B 50 8.52 11.44 4.36
CA LYS B 50 9.80 12.12 4.59
C LYS B 50 9.67 13.24 5.61
N GLN B 51 8.54 13.93 5.57
CA GLN B 51 8.32 15.06 6.48
C GLN B 51 7.75 14.71 7.86
N TYR B 52 6.94 13.66 7.93
CA TYR B 52 6.29 13.32 9.20
C TYR B 52 6.53 11.94 9.83
N ALA B 53 7.31 11.08 9.20
CA ALA B 53 7.53 9.74 9.75
C ALA B 53 8.16 9.74 11.15
N ASP B 54 8.89 10.78 11.50
CA ASP B 54 9.51 10.83 12.83
C ASP B 54 8.70 11.74 13.76
N LYS B 55 7.46 12.02 13.37
CA LYS B 55 6.61 12.92 14.17
C LYS B 55 5.15 12.48 14.37
N LEU B 56 4.57 11.85 13.35
CA LEU B 56 3.16 11.45 13.44
C LEU B 56 2.86 9.96 13.32
N GLU B 57 1.72 9.56 13.88
CA GLU B 57 1.27 8.17 13.82
C GLU B 57 0.89 7.94 12.35
N PHE B 58 1.09 6.72 11.86
CA PHE B 58 0.83 6.40 10.46
C PHE B 58 -0.52 6.82 9.88
N MET B 59 -1.61 6.62 10.61
CA MET B 59 -2.91 7.01 10.08
C MET B 59 -2.96 8.51 9.84
N HIS B 60 -2.34 9.27 10.74
CA HIS B 60 -2.34 10.72 10.59
C HIS B 60 -1.49 11.14 9.41
N ILE B 61 -0.43 10.38 9.13
CA ILE B 61 0.43 10.67 7.98
C ILE B 61 -0.41 10.43 6.72
N LEU B 62 -1.09 9.29 6.68
CA LEU B 62 -1.92 8.96 5.52
C LEU B 62 -3.06 9.95 5.32
N THR B 63 -3.54 10.54 6.41
CA THR B 63 -4.61 11.52 6.30
C THR B 63 -4.04 12.76 5.62
N ARG B 64 -2.79 13.10 5.91
CA ARG B 64 -2.14 14.25 5.27
C ARG B 64 -1.99 13.94 3.77
N VAL B 65 -1.72 12.67 3.46
CA VAL B 65 -1.57 12.26 2.07
C VAL B 65 -2.92 12.46 1.38
N ASN B 66 -3.99 12.05 2.04
CA ASN B 66 -5.34 12.23 1.48
C ASN B 66 -5.59 13.70 1.12
N ARG B 67 -5.26 14.60 2.05
CA ARG B 67 -5.48 16.02 1.82
C ARG B 67 -4.61 16.57 0.70
N LYS B 68 -3.35 16.15 0.64
CA LYS B 68 -2.44 16.63 -0.39
C LYS B 68 -2.94 16.23 -1.78
N VAL B 69 -3.28 14.96 -1.96
CA VAL B 69 -3.76 14.50 -3.25
C VAL B 69 -5.08 15.17 -3.63
N ALA B 70 -5.99 15.27 -2.67
CA ALA B 70 -7.31 15.86 -2.89
C ALA B 70 -7.30 17.34 -3.27
N THR B 71 -6.41 18.11 -2.63
CA THR B 71 -6.37 19.54 -2.88
C THR B 71 -5.42 20.03 -3.97
N GLU B 72 -4.23 19.43 -4.03
CA GLU B 72 -3.21 19.86 -4.97
C GLU B 72 -3.19 19.32 -6.39
N PHE B 73 -3.92 18.24 -6.65
CA PHE B 73 -3.91 17.65 -7.98
C PHE B 73 -5.22 17.68 -8.74
N GLU B 74 -5.12 17.88 -10.04
CA GLU B 74 -6.27 17.88 -10.93
C GLU B 74 -5.74 17.49 -12.30
N SER B 75 -6.39 16.56 -12.96
CA SER B 75 -5.92 16.09 -14.26
C SER B 75 -6.03 17.11 -15.39
N PHE B 76 -5.19 16.90 -16.40
CA PHE B 76 -5.16 17.73 -17.59
C PHE B 76 -5.18 16.74 -18.76
N SER B 77 -6.14 16.90 -19.66
CA SER B 77 -6.24 16.00 -20.79
C SER B 77 -6.85 16.70 -21.98
N PHE B 78 -6.37 16.36 -23.18
CA PHE B 78 -6.90 16.93 -24.40
C PHE B 78 -8.28 16.32 -24.63
N ASP B 79 -8.51 15.18 -23.97
CA ASP B 79 -9.79 14.48 -24.05
C ASP B 79 -10.67 15.04 -22.94
N ALA B 80 -11.75 15.72 -23.31
CA ALA B 80 -12.65 16.32 -22.33
C ALA B 80 -13.14 15.33 -21.28
N THR B 81 -13.31 14.07 -21.68
CA THR B 81 -13.78 13.04 -20.77
C THR B 81 -12.87 12.85 -19.57
N PHE B 82 -11.57 12.96 -19.79
CA PHE B 82 -10.59 12.76 -18.72
C PHE B 82 -9.97 14.04 -18.18
N HIS B 83 -10.48 15.18 -18.61
CA HIS B 83 -9.93 16.45 -18.17
C HIS B 83 -10.53 17.02 -16.89
N ALA B 84 -9.70 17.70 -16.11
CA ALA B 84 -10.10 18.36 -14.88
C ALA B 84 -10.70 17.44 -13.82
N LYS B 85 -10.14 16.24 -13.70
CA LYS B 85 -10.64 15.28 -12.72
C LYS B 85 -9.84 15.30 -11.42
N LYS B 86 -10.46 14.80 -10.36
CA LYS B 86 -9.85 14.78 -9.03
C LYS B 86 -9.68 13.37 -8.49
N GLN B 87 -8.97 13.26 -7.37
CA GLN B 87 -8.72 11.96 -6.76
C GLN B 87 -8.59 12.03 -5.25
N ILE B 88 -9.14 11.03 -4.57
CA ILE B 88 -9.02 10.95 -3.13
C ILE B 88 -8.53 9.55 -2.77
N PRO B 89 -7.38 9.44 -2.09
CA PRO B 89 -6.87 8.13 -1.72
C PRO B 89 -7.82 7.48 -0.72
N CYS B 90 -7.63 6.21 -0.45
CA CYS B 90 -8.53 5.49 0.43
C CYS B 90 -7.78 4.62 1.44
N ILE B 91 -7.82 5.01 2.70
CA ILE B 91 -7.14 4.28 3.77
C ILE B 91 -8.05 3.19 4.31
N VAL B 92 -7.59 1.94 4.25
CA VAL B 92 -8.39 0.82 4.74
C VAL B 92 -7.61 0.15 5.86
N SER B 93 -8.01 0.42 7.10
CA SER B 93 -7.30 -0.14 8.24
C SER B 93 -7.98 -1.23 9.04
N MET B 94 -7.28 -2.34 9.15
CA MET B 94 -7.71 -3.45 9.96
C MET B 94 -6.60 -3.64 11.01
N LEU B 95 -5.91 -2.54 11.31
CA LEU B 95 -4.85 -2.55 12.31
C LEU B 95 -5.49 -2.54 13.70
N THR B 96 -4.75 -3.01 14.69
CA THR B 96 -5.28 -3.08 16.05
C THR B 96 -4.51 -2.19 17.03
N LYS B 97 -3.49 -1.50 16.52
CA LYS B 97 -2.68 -0.61 17.34
C LYS B 97 -2.20 0.57 16.53
N GLU B 98 -1.72 1.59 17.23
CA GLU B 98 -1.17 2.76 16.57
C GLU B 98 0.19 2.33 16.02
N LEU B 99 0.62 2.95 14.94
CA LEU B 99 1.89 2.60 14.31
C LEU B 99 2.79 3.81 14.10
N TYR B 100 3.96 3.78 14.75
CA TYR B 100 4.95 4.85 14.63
C TYR B 100 6.19 4.18 14.05
N PHE B 101 6.82 4.80 13.06
CA PHE B 101 8.00 4.23 12.44
C PHE B 101 9.22 4.39 13.30
N TYR B 102 9.11 5.26 14.30
CA TYR B 102 10.22 5.52 15.22
C TYR B 102 9.87 4.96 16.60
N HIS B 103 10.85 4.94 17.49
CA HIS B 103 10.62 4.47 18.86
C HIS B 103 11.52 5.24 19.81
C1 PHQ C 1 0.24 13.56 -18.15
O1 PHQ C 1 1.24 13.08 -17.63
O2 PHQ C 1 0.20 14.49 -19.15
C2 PHQ C 1 1.47 14.97 -19.68
C3 PHQ C 1 1.33 15.92 -20.89
C4 PHQ C 1 0.03 16.31 -21.44
C5 PHQ C 1 -0.04 17.21 -22.58
C6 PHQ C 1 1.18 17.72 -23.18
C7 PHQ C 1 2.47 17.33 -22.64
C8 PHQ C 1 2.54 16.43 -21.50
N ASP C 2 -1.06 13.40 -18.02
CA ASP C 2 -1.65 12.48 -17.07
C ASP C 2 -2.19 11.23 -17.74
N GLU C 3 -1.94 10.08 -17.11
CA GLU C 3 -2.41 8.81 -17.63
C GLU C 3 -3.11 8.11 -16.46
N VAL C 4 -3.99 7.17 -16.75
CA VAL C 4 -4.68 6.48 -15.68
C VAL C 4 -4.10 5.09 -15.44
C1 MY3 C 5 -10.01 -0.06 -17.75
C2 MY3 C 5 -10.14 -1.50 -17.83
N MY3 C 5 -4.20 4.51 -14.27
C3 MY3 C 5 -10.20 -2.16 -19.12
C4 MY3 C 5 -10.14 -1.37 -20.34
C5 MY3 C 5 -9.99 0.07 -20.26
C6 MY3 C 5 -9.94 0.72 -18.97
C7 MY3 C 5 -9.94 0.64 -16.38
C9 MY3 C 5 -6.26 0.97 -15.32
C10 MY3 C 5 -5.92 2.25 -14.54
C MY3 C 5 -4.70 2.20 -13.63
C15 MY3 C 5 -7.51 1.23 -16.12
C12 MY3 C 5 -2.75 3.24 -12.58
C13 MY3 C 5 -1.42 3.59 -13.12
N2 MY3 C 5 -3.90 3.31 -13.52
N3 MY3 C 5 -8.62 0.51 -15.72
O4 MY3 C 5 -7.51 2.04 -17.05
O MY3 C 5 -4.52 1.17 -13.00
O7 MY3 C 5 -1.15 3.30 -14.30
O8 MY3 C 5 -0.62 4.16 -12.32
O57 MY3 C 5 -5.19 0.68 -16.24
#